data_6DXG
#
_entry.id   6DXG
#
_cell.length_a   81.607
_cell.length_b   92.221
_cell.length_c   72.735
_cell.angle_alpha   90.000
_cell.angle_beta   90.000
_cell.angle_gamma   90.000
#
_symmetry.space_group_name_H-M   'C 2 2 21'
#
loop_
_entity.id
_entity.type
_entity.pdbx_description
1 polymer 'Stimulator of interferon protein'
2 non-polymer 'CALCIUM ION'
3 non-polymer 2-[(1-ethyl-3-methyl-1H-pyrazole-5-carbonyl)amino]-1-[(2R)-2-hydroxy-2-phenylethyl]-1H-benzimidazole-5-carboxamide
4 water water
#
_entity_poly.entity_id   1
_entity_poly.type   'polypeptide(L)'
_entity_poly.pdbx_seq_one_letter_code
;FNVAHGLAWSYYIGYLRLILPELQARIRTYNQHYNNLLRGAVSQRLYILLPLDCGVPDNLSMADPNIRFLDKLPQQTGDR
AGIKDRVYSNSIYELLENGQRAGTCVLEYATPLQTLFAMSQYSQAGFSREDRLEQAKLFCRTLEDILADAPESQNNCRLI
AYQEPADDSSFSLSQEVLRHLRQEEKEEVTV
;
_entity_poly.pdbx_strand_id   A
#
loop_
_chem_comp.id
_chem_comp.type
_chem_comp.name
_chem_comp.formula
CA non-polymer 'CALCIUM ION' 'Ca 2'
HGJ non-polymer 2-[(1-ethyl-3-methyl-1H-pyrazole-5-carbonyl)amino]-1-[(2R)-2-hydroxy-2-phenylethyl]-1H-benzimidazole-5-carboxamide 'C23 H24 N6 O3'
#
# COMPACT_ATOMS: atom_id res chain seq x y z
N PHE A 1 -5.88 -20.11 16.62
CA PHE A 1 -5.19 -20.30 15.35
C PHE A 1 -5.47 -19.13 14.43
N ASN A 2 -4.48 -18.27 14.26
CA ASN A 2 -4.65 -17.02 13.52
C ASN A 2 -3.43 -16.83 12.62
N VAL A 3 -3.58 -17.16 11.33
CA VAL A 3 -2.45 -17.06 10.43
C VAL A 3 -2.03 -15.60 10.25
N ALA A 4 -2.95 -14.66 10.49
CA ALA A 4 -2.66 -13.25 10.29
C ALA A 4 -1.50 -12.77 11.16
N HIS A 5 -1.37 -13.31 12.37
CA HIS A 5 -0.29 -12.87 13.26
C HIS A 5 1.05 -13.08 12.57
N GLY A 6 1.31 -14.32 12.15
CA GLY A 6 2.57 -14.60 11.51
C GLY A 6 2.72 -13.91 10.18
N LEU A 7 1.62 -13.78 9.44
CA LEU A 7 1.73 -13.08 8.16
C LEU A 7 2.19 -11.64 8.37
N ALA A 8 1.62 -10.97 9.35
CA ALA A 8 1.95 -9.55 9.57
C ALA A 8 3.39 -9.41 10.08
N TRP A 9 3.82 -10.30 11.00
CA TRP A 9 5.20 -10.21 11.50
C TRP A 9 6.18 -10.54 10.41
N SER A 10 5.85 -11.49 9.54
CA SER A 10 6.77 -11.83 8.46
C SER A 10 6.87 -10.71 7.45
N TYR A 11 5.73 -10.10 7.11
CA TYR A 11 5.72 -8.97 6.17
C TYR A 11 6.54 -7.80 6.70
N TYR A 12 6.43 -7.53 7.99
CA TYR A 12 7.22 -6.46 8.59
C TYR A 12 8.70 -6.82 8.67
N ILE A 13 9.01 -7.91 9.37
CA ILE A 13 10.41 -8.28 9.64
C ILE A 13 11.16 -8.58 8.35
N GLY A 14 10.50 -9.23 7.39
CA GLY A 14 11.18 -9.69 6.20
C GLY A 14 11.05 -8.82 4.99
N TYR A 15 10.27 -7.73 5.06
CA TYR A 15 10.20 -6.82 3.93
C TYR A 15 10.15 -5.35 4.38
N LEU A 16 9.08 -4.95 5.08
CA LEU A 16 8.89 -3.51 5.33
C LEU A 16 10.06 -2.93 6.10
N ARG A 17 10.50 -3.61 7.14
N ARG A 17 10.49 -3.62 7.15
CA ARG A 17 11.63 -3.12 7.92
CA ARG A 17 11.64 -3.17 7.94
C ARG A 17 12.87 -2.95 7.05
C ARG A 17 12.87 -2.98 7.06
N LEU A 18 12.97 -3.72 5.97
CA LEU A 18 14.18 -3.68 5.13
C LEU A 18 14.08 -2.62 4.05
N ILE A 19 12.88 -2.40 3.50
CA ILE A 19 12.75 -1.48 2.37
C ILE A 19 12.52 -0.06 2.84
N LEU A 20 11.77 0.11 3.93
CA LEU A 20 11.33 1.46 4.27
C LEU A 20 12.48 2.42 4.51
N PRO A 21 13.57 2.04 5.19
CA PRO A 21 14.60 3.05 5.44
C PRO A 21 15.14 3.70 4.18
N GLU A 22 15.29 2.95 3.08
CA GLU A 22 15.77 3.53 1.82
C GLU A 22 14.74 4.46 1.15
N LEU A 23 13.46 4.32 1.49
CA LEU A 23 12.42 4.83 0.60
C LEU A 23 12.40 6.36 0.58
N GLN A 24 12.41 6.99 1.75
CA GLN A 24 12.37 8.46 1.78
C GLN A 24 13.45 9.05 0.88
N ALA A 25 14.65 8.46 0.91
CA ALA A 25 15.76 8.96 0.10
C ALA A 25 15.50 8.72 -1.38
N ARG A 26 15.11 7.50 -1.76
CA ARG A 26 14.80 7.23 -3.16
C ARG A 26 13.75 8.23 -3.68
N ILE A 27 12.73 8.51 -2.87
CA ILE A 27 11.64 9.38 -3.32
C ILE A 27 12.11 10.83 -3.44
N ARG A 28 12.85 11.34 -2.44
CA ARG A 28 13.36 12.70 -2.54
C ARG A 28 14.18 12.88 -3.82
N THR A 29 15.16 11.98 -4.02
CA THR A 29 15.98 12.03 -5.23
C THR A 29 15.11 12.09 -6.48
N TYR A 30 14.14 11.18 -6.60
CA TYR A 30 13.25 11.22 -7.77
C TYR A 30 12.55 12.56 -7.87
N ASN A 31 12.19 13.17 -6.73
CA ASN A 31 11.33 14.34 -6.73
C ASN A 31 12.08 15.57 -7.24
N GLN A 32 13.39 15.63 -7.03
CA GLN A 32 14.15 16.63 -7.76
C GLN A 32 13.76 16.60 -9.24
N HIS A 33 13.87 15.43 -9.88
CA HIS A 33 13.55 15.32 -11.29
C HIS A 33 12.08 15.64 -11.54
N TYR A 34 11.19 14.83 -11.01
CA TYR A 34 9.75 14.98 -11.23
C TYR A 34 9.33 16.43 -11.14
N ASN A 35 9.90 17.15 -10.16
CA ASN A 35 9.60 18.56 -10.00
C ASN A 35 10.11 19.34 -11.20
N ASN A 36 11.43 19.30 -11.43
CA ASN A 36 11.97 20.11 -12.51
C ASN A 36 11.27 19.85 -13.83
N LEU A 37 10.68 18.66 -13.99
CA LEU A 37 10.10 18.27 -15.27
C LEU A 37 8.60 18.59 -15.31
N LEU A 38 7.80 17.83 -14.57
CA LEU A 38 6.35 18.01 -14.58
C LEU A 38 5.85 18.85 -13.42
N ARG A 39 6.73 19.55 -12.72
CA ARG A 39 6.34 20.37 -11.57
C ARG A 39 5.47 19.57 -10.61
N GLY A 40 5.65 18.26 -10.58
CA GLY A 40 4.92 17.38 -9.71
C GLY A 40 5.79 16.92 -8.55
N ALA A 41 5.14 16.24 -7.60
CA ALA A 41 5.81 15.78 -6.39
C ALA A 41 5.18 14.46 -5.95
N VAL A 42 6.02 13.49 -5.67
CA VAL A 42 5.58 12.18 -5.20
C VAL A 42 5.55 12.21 -3.68
N SER A 43 4.42 11.78 -3.11
CA SER A 43 4.37 11.60 -1.66
C SER A 43 5.55 10.78 -1.16
N GLN A 44 6.00 11.09 0.05
CA GLN A 44 7.20 10.47 0.58
C GLN A 44 6.93 9.15 1.31
N ARG A 45 5.69 8.72 1.44
CA ARG A 45 5.40 7.50 2.19
C ARG A 45 5.01 6.37 1.24
N LEU A 46 5.33 5.15 1.62
CA LEU A 46 4.83 3.97 0.91
C LEU A 46 3.36 3.72 1.26
N TYR A 47 2.51 3.69 0.23
CA TYR A 47 1.10 3.40 0.42
C TYR A 47 0.87 1.94 0.14
N ILE A 48 0.36 1.25 1.15
CA ILE A 48 0.14 -0.19 1.11
C ILE A 48 -1.37 -0.43 1.00
N LEU A 49 -1.79 -1.06 -0.08
CA LEU A 49 -3.18 -1.39 -0.26
C LEU A 49 -3.52 -2.71 0.41
N LEU A 50 -4.58 -2.67 1.23
CA LEU A 50 -5.08 -3.79 2.01
C LEU A 50 -6.56 -3.97 1.70
N PRO A 51 -6.89 -4.49 0.52
CA PRO A 51 -8.27 -4.89 0.26
C PRO A 51 -8.69 -6.03 1.17
N LEU A 52 -9.78 -5.82 1.91
CA LEU A 52 -10.25 -6.87 2.80
C LEU A 52 -10.78 -8.07 2.04
N ASP A 53 -11.09 -7.93 0.75
CA ASP A 53 -11.50 -9.11 -0.04
C ASP A 53 -10.31 -9.91 -0.55
N CYS A 54 -9.09 -9.49 -0.23
CA CYS A 54 -7.87 -10.21 -0.55
C CYS A 54 -7.67 -10.38 -2.03
N GLY A 55 -8.29 -9.50 -2.81
CA GLY A 55 -8.10 -9.49 -4.25
C GLY A 55 -6.95 -8.61 -4.69
N VAL A 56 -5.88 -9.27 -5.13
CA VAL A 56 -4.67 -8.58 -5.55
C VAL A 56 -4.45 -8.82 -7.03
N PRO A 57 -4.68 -7.84 -7.89
CA PRO A 57 -4.44 -8.04 -9.33
C PRO A 57 -2.97 -7.92 -9.66
N ASP A 58 -2.63 -8.43 -10.85
CA ASP A 58 -1.25 -8.36 -11.33
C ASP A 58 -0.84 -6.95 -11.74
N ASN A 59 -1.82 -6.06 -11.99
CA ASN A 59 -1.51 -4.67 -12.31
C ASN A 59 -2.61 -3.79 -11.73
N LEU A 60 -2.20 -2.66 -11.13
CA LEU A 60 -3.14 -1.80 -10.42
C LEU A 60 -4.21 -1.25 -11.35
N SER A 61 -3.84 -0.92 -12.59
CA SER A 61 -4.78 -0.28 -13.49
C SER A 61 -6.03 -1.14 -13.68
N MET A 62 -5.88 -2.47 -13.61
CA MET A 62 -7.02 -3.36 -13.76
C MET A 62 -8.03 -3.19 -12.62
N ALA A 63 -7.56 -2.87 -11.42
CA ALA A 63 -8.47 -2.59 -10.32
C ALA A 63 -9.14 -1.23 -10.46
N ASP A 64 -8.52 -0.29 -11.19
CA ASP A 64 -9.07 1.04 -11.43
C ASP A 64 -8.27 1.71 -12.53
N PRO A 65 -8.90 2.06 -13.67
CA PRO A 65 -8.16 2.72 -14.75
C PRO A 65 -7.68 4.12 -14.41
N ASN A 66 -8.24 4.76 -13.39
CA ASN A 66 -7.73 6.04 -12.91
C ASN A 66 -6.47 5.90 -12.07
N ILE A 67 -5.90 4.70 -11.95
CA ILE A 67 -4.60 4.49 -11.32
C ILE A 67 -3.64 4.07 -12.42
N ARG A 68 -2.71 4.94 -12.78
CA ARG A 68 -1.90 4.78 -13.97
C ARG A 68 -0.43 4.68 -13.60
N PHE A 69 0.25 3.66 -14.13
CA PHE A 69 1.68 3.52 -13.88
C PHE A 69 2.41 4.72 -14.45
N LEU A 70 3.28 5.31 -13.64
CA LEU A 70 4.05 6.47 -14.05
C LEU A 70 5.51 6.12 -14.27
N ASP A 71 6.17 5.51 -13.28
CA ASP A 71 7.60 5.29 -13.37
C ASP A 71 8.01 4.27 -12.31
N LYS A 72 9.09 3.56 -12.58
CA LYS A 72 9.74 2.78 -11.54
C LYS A 72 10.57 3.72 -10.67
N LEU A 73 10.53 3.48 -9.36
CA LEU A 73 11.37 4.24 -8.44
C LEU A 73 12.82 3.74 -8.52
N PRO A 74 13.79 4.61 -8.74
CA PRO A 74 15.19 4.16 -8.76
C PRO A 74 15.66 3.68 -7.39
N GLN A 75 16.70 2.84 -7.41
CA GLN A 75 17.36 2.43 -6.18
C GLN A 75 18.40 3.47 -5.74
N GLN A 76 18.68 3.49 -4.45
CA GLN A 76 19.63 4.44 -3.87
C GLN A 76 21.03 4.25 -4.45
N VAL A 87 17.88 -5.79 -4.36
CA VAL A 87 17.26 -4.78 -5.21
C VAL A 87 15.73 -4.87 -5.14
N TYR A 88 15.09 -3.78 -4.75
CA TYR A 88 13.64 -3.74 -4.56
C TYR A 88 12.97 -2.97 -5.69
N SER A 89 11.96 -3.58 -6.31
CA SER A 89 11.20 -2.93 -7.36
C SER A 89 9.98 -2.25 -6.76
N ASN A 90 9.83 -0.95 -7.03
CA ASN A 90 8.70 -0.17 -6.53
C ASN A 90 8.26 0.79 -7.62
N SER A 91 6.95 0.98 -7.73
CA SER A 91 6.36 1.69 -8.84
C SER A 91 5.62 2.92 -8.33
N ILE A 92 5.83 4.03 -9.02
CA ILE A 92 5.11 5.28 -8.78
C ILE A 92 3.91 5.32 -9.71
N TYR A 93 2.74 5.66 -9.17
CA TYR A 93 1.51 5.76 -9.94
C TYR A 93 0.96 7.17 -9.83
N GLU A 94 0.29 7.61 -10.91
CA GLU A 94 -0.51 8.82 -10.88
C GLU A 94 -1.98 8.43 -10.70
N LEU A 95 -2.66 9.25 -9.90
CA LEU A 95 -4.08 9.10 -9.59
C LEU A 95 -4.80 10.20 -10.36
N LEU A 96 -5.73 9.78 -11.22
CA LEU A 96 -6.41 10.67 -12.15
C LEU A 96 -7.81 10.99 -11.66
N GLU A 97 -8.25 12.21 -11.97
CA GLU A 97 -9.64 12.63 -11.84
C GLU A 97 -10.06 13.30 -13.13
N ASN A 98 -11.06 12.76 -13.82
CA ASN A 98 -11.46 13.32 -15.11
C ASN A 98 -10.26 13.50 -16.03
N GLY A 99 -9.45 12.46 -16.16
CA GLY A 99 -8.29 12.48 -17.02
C GLY A 99 -7.13 13.35 -16.57
N GLN A 100 -7.27 14.12 -15.49
CA GLN A 100 -6.20 15.01 -15.02
C GLN A 100 -5.46 14.37 -13.85
N ARG A 101 -4.15 14.62 -13.77
CA ARG A 101 -3.38 14.08 -12.67
C ARG A 101 -3.79 14.78 -11.39
N ALA A 102 -4.24 14.01 -10.40
CA ALA A 102 -4.58 14.60 -9.12
C ALA A 102 -3.62 14.23 -8.00
N GLY A 103 -2.81 13.21 -8.20
CA GLY A 103 -1.80 12.95 -7.18
C GLY A 103 -0.85 11.89 -7.69
N THR A 104 0.23 11.69 -6.93
CA THR A 104 1.20 10.68 -7.29
C THR A 104 1.75 10.02 -6.04
N CYS A 105 2.00 8.72 -6.11
CA CYS A 105 2.55 8.06 -4.94
C CYS A 105 3.11 6.69 -5.30
N VAL A 106 3.97 6.20 -4.44
CA VAL A 106 4.45 4.82 -4.48
C VAL A 106 3.38 3.94 -3.85
N LEU A 107 2.89 2.97 -4.61
CA LEU A 107 1.72 2.20 -4.26
C LEU A 107 2.02 0.73 -4.44
N GLU A 108 1.53 -0.12 -3.54
CA GLU A 108 1.59 -1.57 -3.81
C GLU A 108 0.67 -2.33 -2.88
N TYR A 109 0.26 -3.54 -3.31
CA TYR A 109 -0.59 -4.34 -2.47
C TYR A 109 0.21 -5.09 -1.41
N ALA A 110 -0.41 -5.33 -0.26
CA ALA A 110 0.19 -6.17 0.77
C ALA A 110 0.09 -7.61 0.30
N THR A 111 1.22 -8.15 -0.16
CA THR A 111 1.23 -9.52 -0.72
C THR A 111 0.67 -10.58 0.21
N PRO A 112 0.82 -10.51 1.55
CA PRO A 112 0.26 -11.59 2.40
C PRO A 112 -1.21 -11.82 2.18
N LEU A 113 -1.95 -10.82 1.70
CA LEU A 113 -3.36 -11.08 1.47
C LEU A 113 -3.57 -12.13 0.37
N GLN A 114 -2.65 -12.21 -0.58
CA GLN A 114 -2.73 -13.28 -1.58
C GLN A 114 -2.72 -14.65 -0.92
N THR A 115 -1.91 -14.81 0.14
CA THR A 115 -1.87 -16.08 0.84
C THR A 115 -3.22 -16.39 1.43
N LEU A 116 -3.90 -15.36 1.98
CA LEU A 116 -5.20 -15.58 2.55
C LEU A 116 -6.17 -15.99 1.45
N PHE A 117 -6.06 -15.35 0.28
CA PHE A 117 -6.95 -15.73 -0.79
C PHE A 117 -6.70 -17.17 -1.19
N ALA A 118 -5.43 -17.51 -1.38
CA ALA A 118 -5.13 -18.86 -1.83
C ALA A 118 -5.59 -19.88 -0.79
N MET A 119 -5.46 -19.55 0.51
CA MET A 119 -5.89 -20.52 1.49
C MET A 119 -7.40 -20.74 1.42
N SER A 120 -8.17 -19.70 1.09
CA SER A 120 -9.61 -19.86 1.02
C SER A 120 -10.01 -20.70 -0.18
N GLN A 121 -9.11 -20.90 -1.16
CA GLN A 121 -9.41 -21.78 -2.30
C GLN A 121 -8.75 -23.14 -2.16
N TYR A 122 -8.01 -23.37 -1.08
CA TYR A 122 -7.32 -24.63 -0.84
C TYR A 122 -8.15 -25.43 0.17
N SER A 123 -8.91 -26.44 -0.31
CA SER A 123 -9.95 -27.01 0.53
C SER A 123 -9.37 -27.69 1.76
N GLN A 124 -8.19 -28.31 1.62
CA GLN A 124 -7.55 -28.97 2.75
C GLN A 124 -7.31 -28.05 3.92
N ALA A 125 -7.30 -26.72 3.70
CA ALA A 125 -7.05 -25.80 4.79
C ALA A 125 -8.26 -25.62 5.69
N GLY A 126 -9.45 -26.01 5.24
CA GLY A 126 -10.68 -25.72 5.98
C GLY A 126 -10.90 -24.25 6.27
N PHE A 127 -10.61 -23.38 5.31
CA PHE A 127 -10.50 -21.93 5.54
C PHE A 127 -11.53 -21.24 4.66
N SER A 128 -12.61 -20.79 5.28
CA SER A 128 -13.76 -20.25 4.55
C SER A 128 -13.53 -18.79 4.17
N ARG A 129 -14.48 -18.27 3.40
CA ARG A 129 -14.47 -16.84 3.05
C ARG A 129 -14.67 -15.99 4.30
N GLU A 130 -15.56 -16.42 5.20
CA GLU A 130 -15.70 -15.75 6.50
C GLU A 130 -14.37 -15.73 7.22
N ASP A 131 -13.69 -16.87 7.28
CA ASP A 131 -12.36 -16.94 7.91
C ASP A 131 -11.40 -15.97 7.24
N ARG A 132 -11.42 -15.93 5.91
CA ARG A 132 -10.49 -15.08 5.17
C ARG A 132 -10.69 -13.62 5.53
N LEU A 133 -11.95 -13.18 5.57
CA LEU A 133 -12.24 -11.79 5.91
C LEU A 133 -11.78 -11.48 7.33
N GLU A 134 -12.09 -12.38 8.26
CA GLU A 134 -11.68 -12.21 9.65
C GLU A 134 -10.16 -12.06 9.75
N GLN A 135 -9.42 -12.90 9.02
CA GLN A 135 -7.97 -12.85 9.09
C GLN A 135 -7.41 -11.66 8.33
N ALA A 136 -8.10 -11.19 7.28
CA ALA A 136 -7.63 -9.99 6.59
C ALA A 136 -7.73 -8.78 7.52
N LYS A 137 -8.82 -8.68 8.26
CA LYS A 137 -8.95 -7.61 9.25
C LYS A 137 -7.90 -7.73 10.35
N LEU A 138 -7.70 -8.95 10.86
CA LEU A 138 -6.70 -9.16 11.88
C LEU A 138 -5.32 -8.81 11.37
N PHE A 139 -5.04 -9.12 10.09
CA PHE A 139 -3.77 -8.75 9.47
C PHE A 139 -3.58 -7.25 9.50
N CYS A 140 -4.60 -6.51 9.10
N CYS A 140 -4.61 -6.51 9.11
CA CYS A 140 -4.52 -5.05 9.14
CA CYS A 140 -4.52 -5.05 9.13
C CYS A 140 -4.24 -4.54 10.54
C CYS A 140 -4.25 -4.53 10.53
N ARG A 141 -4.98 -5.04 11.53
CA ARG A 141 -4.85 -4.56 12.90
C ARG A 141 -3.47 -4.88 13.46
N THR A 142 -2.99 -6.09 13.20
CA THR A 142 -1.69 -6.49 13.73
C THR A 142 -0.59 -5.65 13.10
N LEU A 143 -0.67 -5.46 11.79
CA LEU A 143 0.35 -4.68 11.12
C LEU A 143 0.34 -3.25 11.63
N GLU A 144 -0.86 -2.70 11.87
CA GLU A 144 -0.93 -1.35 12.45
C GLU A 144 -0.25 -1.31 13.81
N ASP A 145 -0.57 -2.27 14.68
CA ASP A 145 0.07 -2.35 15.99
C ASP A 145 1.60 -2.41 15.87
N ILE A 146 2.12 -3.26 14.99
CA ILE A 146 3.57 -3.36 14.77
C ILE A 146 4.13 -2.01 14.35
N LEU A 147 3.54 -1.41 13.33
CA LEU A 147 4.09 -0.15 12.82
C LEU A 147 3.98 0.96 13.85
N ALA A 148 3.03 0.85 14.77
CA ALA A 148 2.86 1.88 15.78
C ALA A 148 4.03 1.89 16.75
N ASP A 149 4.53 0.72 17.13
CA ASP A 149 5.69 0.66 18.01
C ASP A 149 7.00 0.79 17.24
N ALA A 150 6.96 0.98 15.93
CA ALA A 150 8.19 0.81 15.17
C ALA A 150 8.83 2.15 14.85
N PRO A 151 10.18 2.17 14.84
CA PRO A 151 10.91 3.44 14.76
C PRO A 151 10.96 4.02 13.36
N GLU A 152 10.16 5.06 13.12
CA GLU A 152 10.17 5.75 11.84
C GLU A 152 9.35 4.99 10.81
N SER A 153 9.42 3.65 10.82
CA SER A 153 8.67 2.87 9.86
C SER A 153 7.21 3.35 9.76
N GLN A 154 6.57 3.60 10.91
CA GLN A 154 5.20 4.12 10.89
C GLN A 154 5.11 5.41 10.09
N ASN A 155 6.14 6.26 10.19
CA ASN A 155 6.15 7.54 9.48
C ASN A 155 6.54 7.40 8.01
N ASN A 156 7.01 6.22 7.58
CA ASN A 156 7.44 6.02 6.21
C ASN A 156 6.40 5.27 5.39
N CYS A 157 5.26 4.90 5.96
CA CYS A 157 4.24 4.24 5.16
C CYS A 157 2.84 4.54 5.71
N ARG A 158 1.82 4.16 4.92
CA ARG A 158 0.43 4.37 5.30
C ARG A 158 -0.37 3.18 4.82
N LEU A 159 -1.15 2.59 5.71
CA LEU A 159 -2.02 1.47 5.35
C LEU A 159 -3.35 2.00 4.80
N ILE A 160 -3.74 1.48 3.66
CA ILE A 160 -5.02 1.85 3.03
C ILE A 160 -5.86 0.58 2.98
N ALA A 161 -6.71 0.41 3.99
CA ALA A 161 -7.57 -0.77 4.08
C ALA A 161 -9.00 -0.38 3.71
N TYR A 162 -9.67 -1.24 2.94
CA TYR A 162 -11.00 -0.91 2.45
C TYR A 162 -11.77 -2.17 2.15
N GLN A 163 -13.07 -2.11 2.40
CA GLN A 163 -14.00 -3.16 2.00
C GLN A 163 -14.82 -2.65 0.82
N GLU A 164 -14.85 -3.43 -0.25
CA GLU A 164 -15.58 -3.05 -1.44
C GLU A 164 -17.02 -3.58 -1.35
N PRO A 165 -18.00 -2.81 -1.79
CA PRO A 165 -19.41 -3.23 -1.62
C PRO A 165 -19.81 -4.37 -2.55
N ALA A 166 -21.06 -4.82 -2.44
CA ALA A 166 -21.58 -5.89 -3.29
C ALA A 166 -22.94 -5.52 -3.86
N PHE A 171 -17.41 1.49 -6.35
CA PHE A 171 -16.21 1.78 -5.56
C PHE A 171 -15.06 2.24 -6.44
N SER A 172 -14.42 3.33 -6.01
CA SER A 172 -13.28 3.90 -6.71
C SER A 172 -12.03 3.79 -5.85
N LEU A 173 -11.10 2.92 -6.25
CA LEU A 173 -9.85 2.80 -5.49
C LEU A 173 -9.03 4.10 -5.58
N SER A 174 -9.03 4.75 -6.75
CA SER A 174 -8.26 5.98 -6.91
C SER A 174 -8.76 7.07 -5.97
N GLN A 175 -10.08 7.16 -5.78
CA GLN A 175 -10.63 8.16 -4.86
C GLN A 175 -10.25 7.86 -3.42
N GLU A 176 -10.22 6.58 -3.03
CA GLU A 176 -9.79 6.20 -1.69
C GLU A 176 -8.34 6.63 -1.46
N VAL A 177 -7.48 6.37 -2.46
CA VAL A 177 -6.07 6.73 -2.31
C VAL A 177 -5.93 8.25 -2.23
N LEU A 178 -6.63 8.98 -3.12
CA LEU A 178 -6.57 10.44 -3.11
C LEU A 178 -7.06 11.01 -1.78
N ARG A 179 -8.09 10.40 -1.17
CA ARG A 179 -8.52 10.88 0.13
C ARG A 179 -7.35 10.82 1.11
N HIS A 180 -6.63 9.70 1.12
CA HIS A 180 -5.47 9.60 2.00
C HIS A 180 -4.37 10.60 1.64
N LEU A 181 -4.06 10.74 0.35
CA LEU A 181 -3.01 11.67 -0.03
C LEU A 181 -3.35 13.10 0.37
N ARG A 182 -4.62 13.46 0.24
CA ARG A 182 -5.01 14.82 0.57
C ARG A 182 -4.99 15.04 2.08
N GLN A 183 -5.42 14.03 2.83
CA GLN A 183 -5.33 14.13 4.28
C GLN A 183 -3.87 14.22 4.71
N GLU A 184 -2.98 13.45 4.06
CA GLU A 184 -1.57 13.50 4.38
C GLU A 184 -1.01 14.91 4.19
N GLU A 185 -1.34 15.53 3.05
CA GLU A 185 -0.89 16.92 2.81
C GLU A 185 -1.45 17.86 3.86
N LYS A 186 -2.75 17.75 4.15
CA LYS A 186 -3.35 18.60 5.18
C LYS A 186 -2.58 18.51 6.49
N GLU A 187 -2.29 17.29 6.94
CA GLU A 187 -1.53 17.11 8.17
C GLU A 187 -0.16 17.76 8.07
N GLU A 188 0.50 17.60 6.92
CA GLU A 188 1.82 18.19 6.75
C GLU A 188 1.78 19.72 6.92
N VAL A 189 0.84 20.40 6.27
CA VAL A 189 0.85 21.86 6.32
C VAL A 189 0.27 22.39 7.63
N THR A 190 -0.65 21.68 8.29
CA THR A 190 -1.25 22.26 9.49
C THR A 190 -0.38 22.05 10.73
N VAL A 191 0.35 20.94 10.80
CA VAL A 191 1.28 20.68 11.90
C VAL A 191 2.68 20.39 11.36
CA CA B . -11.50 -6.15 -5.06
C18 HGJ C . 10.99 -9.30 -2.76
C17 HGJ C . 11.00 -8.18 -3.60
C16 HGJ C . 10.04 -7.17 -3.49
C15 HGJ C . 9.04 -7.26 -2.52
C14 HGJ C . 9.01 -8.38 -1.67
C12 HGJ C . 8.58 -9.87 -0.20
C01 HGJ C . 9.39 -12.79 3.53
C02 HGJ C . 8.59 -11.52 3.76
C05 HGJ C . 5.09 -12.35 3.94
C06 HGJ C . 4.07 -13.04 4.73
C07 HGJ C . 5.04 -11.63 2.77
C08 HGJ C . 6.37 -11.21 2.53
C09 HGJ C . 6.78 -10.38 1.36
C19 HGJ C . 9.99 -9.38 -1.81
C21 HGJ C . 10.37 -11.56 -0.62
C22 HGJ C . 11.55 -11.65 0.34
C24 HGJ C . 12.13 -13.05 0.32
C25 HGJ C . 11.89 -13.97 1.35
C26 HGJ C . 12.44 -15.26 1.28
C27 HGJ C . 13.20 -15.63 0.18
C28 HGJ C . 13.44 -14.72 -0.86
C29 HGJ C . 12.89 -13.45 -0.79
C30 HGJ C . 10.09 -5.99 -4.36
N03 HGJ C . 7.20 -11.66 3.49
N04 HGJ C . 6.39 -12.33 4.32
N11 HGJ C . 8.04 -10.58 0.85
N13 HGJ C . 8.14 -8.71 -0.66
N20 HGJ C . 9.70 -10.30 -0.85
N31 HGJ C . 9.26 -4.90 -4.07
O10 HGJ C . 6.03 -9.56 0.84
O23 HGJ C . 12.54 -10.72 -0.10
O32 HGJ C . 10.87 -5.94 -5.34
H45 HGJ C . 11.62 -9.98 -2.87
H44 HGJ C . 11.66 -8.11 -4.26
H43 HGJ C . 8.40 -6.59 -2.42
H34 HGJ C . 10.29 -12.65 3.72
H35 HGJ C . 9.31 -13.07 2.64
H33 HGJ C . 9.08 -13.48 4.08
H36 HGJ C . 8.92 -10.83 3.21
H37 HGJ C . 8.69 -11.23 4.65
H39 HGJ C . 3.36 -13.37 4.20
H38 HGJ C . 3.68 -12.48 5.37
H40 HGJ C . 4.41 -13.78 5.18
H41 HGJ C . 4.31 -11.43 2.23
H46 HGJ C . 9.72 -12.20 -0.39
H47 HGJ C . 10.66 -11.85 -1.48
H48 HGJ C . 11.29 -11.41 1.21
H50 HGJ C . 11.39 -13.72 2.09
H51 HGJ C . 12.29 -15.86 1.97
H52 HGJ C . 13.57 -16.48 0.14
H53 HGJ C . 13.95 -14.98 -1.59
H54 HGJ C . 13.05 -12.85 -1.48
H42 HGJ C . 8.57 -11.15 1.24
H55 HGJ C . 8.72 -4.91 -3.40
H56 HGJ C . 9.26 -4.19 -4.55
H49 HGJ C . 13.12 -10.69 0.50
#